data_6I8V
#
_entry.id   6I8V
#
_cell.length_a   84.155
_cell.length_b   84.155
_cell.length_c   83.850
_cell.angle_alpha   90.00
_cell.angle_beta   90.00
_cell.angle_gamma   90.00
#
_symmetry.space_group_name_H-M   'P 43 2 2'
#
loop_
_entity.id
_entity.type
_entity.pdbx_description
1 polymer 'Ktr system potassium uptake protein C'
2 non-polymer "ADENOSINE-5'-TRIPHOSPHATE"
3 non-polymer 'CALCIUM ION'
4 non-polymer 1,4-BUTANEDIOL
5 water water
#
_entity_poly.entity_id   1
_entity_poly.type   'polypeptide(L)'
_entity_poly.pdbx_seq_one_letter_code
;MKKEFAVIGLGRFGGSICKALSEEGVEVMAMDIDEDKVNEYAKIASHAVIGDSTDESVLKNLGLRNFDHVIVAIGENIQA
SILTTLILKELGVHTITVKAQNDYHEKVLSKIGADHIVHPERDMAKRIAHNIVSNNVLDYLELSEEHSLVEIVANSRLAG
NTLLDLDIRAKYGINIVAIKRGKEVIVSPLATEVIHQEDILIVIGSVTDISRFEKRVLHTK
;
_entity_poly.pdbx_strand_id   A
#
# COMPACT_ATOMS: atom_id res chain seq x y z
N LYS A 3 18.18 13.77 -2.16
CA LYS A 3 17.64 12.63 -2.92
C LYS A 3 16.85 13.08 -4.14
N GLU A 4 16.91 12.30 -5.20
CA GLU A 4 16.27 12.66 -6.45
C GLU A 4 15.12 11.71 -6.78
N PHE A 5 13.95 12.27 -7.05
CA PHE A 5 12.75 11.46 -7.31
C PHE A 5 12.11 11.83 -8.64
N ALA A 6 11.63 10.81 -9.35
CA ALA A 6 10.91 11.03 -10.59
C ALA A 6 9.67 10.13 -10.65
N VAL A 7 8.60 10.63 -11.25
CA VAL A 7 7.43 9.81 -11.51
C VAL A 7 7.12 9.90 -12.98
N ILE A 8 6.94 8.75 -13.60
CA ILE A 8 6.68 8.68 -15.02
C ILE A 8 5.27 8.16 -15.22
N GLY A 9 4.40 9.03 -15.75
CA GLY A 9 3.03 8.67 -16.01
C GLY A 9 2.16 9.31 -14.93
N LEU A 10 1.36 10.30 -15.30
CA LEU A 10 0.58 11.05 -14.32
C LEU A 10 -0.92 10.74 -14.35
N GLY A 11 -1.27 9.48 -14.17
CA GLY A 11 -2.66 9.08 -14.00
C GLY A 11 -3.03 9.25 -12.54
N ARG A 12 -4.04 8.55 -12.06
CA ARG A 12 -4.45 8.71 -10.68
C ARG A 12 -3.36 8.27 -9.71
N PHE A 13 -2.67 7.19 -10.03
CA PHE A 13 -1.56 6.74 -9.20
C PHE A 13 -0.34 7.64 -9.33
N GLY A 14 0.12 7.83 -10.56
CA GLY A 14 1.33 8.63 -10.78
C GLY A 14 1.13 10.07 -10.31
N GLY A 15 -0.03 10.64 -10.61
CA GLY A 15 -0.31 12.02 -10.18
C GLY A 15 -0.43 12.13 -8.67
N SER A 16 -1.03 11.12 -8.04
CA SER A 16 -1.10 11.08 -6.59
C SER A 16 0.26 10.94 -5.94
N ILE A 17 1.15 10.14 -6.55
CA ILE A 17 2.54 10.07 -6.09
C ILE A 17 3.20 11.46 -6.20
N CYS A 18 3.06 12.10 -7.35
CA CYS A 18 3.58 13.44 -7.52
C CYS A 18 3.04 14.40 -6.45
N LYS A 19 1.73 14.37 -6.18
CA LYS A 19 1.17 15.28 -5.17
C LYS A 19 1.67 14.95 -3.77
N ALA A 20 1.75 13.66 -3.45
CA ALA A 20 2.17 13.25 -2.11
C ALA A 20 3.62 13.65 -1.88
N LEU A 21 4.49 13.41 -2.86
CA LEU A 21 5.89 13.81 -2.75
C LEU A 21 5.98 15.33 -2.60
N SER A 22 5.23 16.06 -3.40
CA SER A 22 5.20 17.52 -3.29
C SER A 22 4.76 17.95 -1.89
N GLU A 23 3.75 17.29 -1.36
CA GLU A 23 3.25 17.63 -0.03
C GLU A 23 4.24 17.24 1.07
N GLU A 24 5.10 16.25 0.81
CA GLU A 24 6.14 15.88 1.79
C GLU A 24 7.28 16.89 1.77
N GLY A 25 7.25 17.78 0.79
CA GLY A 25 8.22 18.87 0.70
C GLY A 25 9.49 18.56 -0.06
N VAL A 26 9.48 17.51 -0.88
CA VAL A 26 10.68 17.17 -1.66
C VAL A 26 10.48 17.52 -3.12
N GLU A 27 11.58 17.58 -3.85
CA GLU A 27 11.53 17.87 -5.27
C GLU A 27 11.18 16.59 -6.03
N VAL A 28 10.40 16.72 -7.10
CA VAL A 28 10.10 15.57 -7.94
C VAL A 28 9.98 15.99 -9.39
N MET A 29 10.54 15.18 -10.28
CA MET A 29 10.34 15.35 -11.71
C MET A 29 9.16 14.50 -12.12
N ALA A 30 8.16 15.13 -12.75
CA ALA A 30 6.96 14.42 -13.17
C ALA A 30 6.84 14.47 -14.69
N MET A 31 6.71 13.29 -15.30
CA MET A 31 6.79 13.17 -16.74
C MET A 31 5.54 12.51 -17.30
N ASP A 32 5.07 12.99 -18.45
CA ASP A 32 3.95 12.35 -19.10
C ASP A 32 4.01 12.71 -20.57
N ILE A 33 3.55 11.80 -21.41
CA ILE A 33 3.56 12.02 -22.84
C ILE A 33 2.40 12.94 -23.21
N ASP A 34 1.43 13.09 -22.30
CA ASP A 34 0.25 13.92 -22.52
C ASP A 34 0.48 15.31 -21.92
N GLU A 35 0.56 16.32 -22.79
CA GLU A 35 0.87 17.69 -22.37
C GLU A 35 -0.16 18.27 -21.39
N ASP A 36 -1.43 17.91 -21.56
CA ASP A 36 -2.47 18.41 -20.66
C ASP A 36 -2.27 17.92 -19.23
N LYS A 37 -1.86 16.67 -19.08
CA LYS A 37 -1.53 16.10 -17.78
C LYS A 37 -0.32 16.79 -17.16
N VAL A 38 0.72 16.98 -17.97
CA VAL A 38 1.92 17.67 -17.47
C VAL A 38 1.55 19.07 -16.96
N ASN A 39 0.70 19.77 -17.72
CA ASN A 39 0.26 21.10 -17.30
C ASN A 39 -0.43 21.13 -15.93
N GLU A 40 -1.18 20.06 -15.63
CA GLU A 40 -1.89 19.97 -14.35
C GLU A 40 -0.91 19.94 -13.18
N TYR A 41 0.30 19.45 -13.43
CA TYR A 41 1.29 19.26 -12.35
C TYR A 41 2.44 20.25 -12.43
N ALA A 42 2.29 21.30 -13.24
CA ALA A 42 3.37 22.25 -13.47
C ALA A 42 3.79 23.07 -12.21
N LYS A 43 2.89 23.21 -11.25
CA LYS A 43 3.21 23.98 -10.04
C LYS A 43 3.29 23.06 -8.82
N ILE A 44 2.98 21.79 -9.04
CA ILE A 44 3.04 20.78 -7.99
C ILE A 44 4.40 20.10 -8.02
N ALA A 45 4.79 19.61 -9.20
CA ALA A 45 6.12 19.01 -9.36
C ALA A 45 7.13 20.13 -9.49
N SER A 46 8.38 19.89 -9.08
CA SER A 46 9.38 20.93 -9.22
C SER A 46 9.90 20.98 -10.65
N HIS A 47 9.75 19.88 -11.37
CA HIS A 47 10.10 19.84 -12.78
C HIS A 47 9.12 18.93 -13.53
N ALA A 48 8.23 19.55 -14.30
CA ALA A 48 7.19 18.81 -15.02
C ALA A 48 7.56 18.71 -16.49
N VAL A 49 7.56 17.50 -17.02
CA VAL A 49 8.18 17.21 -18.31
C VAL A 49 7.24 16.54 -19.28
N ILE A 50 7.15 17.07 -20.50
CA ILE A 50 6.41 16.42 -21.55
C ILE A 50 7.37 15.50 -22.32
N GLY A 51 7.12 14.20 -22.30
CA GLY A 51 7.96 13.29 -23.05
C GLY A 51 7.56 11.83 -23.02
N ASP A 52 8.05 11.09 -24.02
CA ASP A 52 7.82 9.66 -24.15
C ASP A 52 8.97 8.94 -23.46
N SER A 53 8.67 8.25 -22.36
CA SER A 53 9.71 7.61 -21.56
C SER A 53 10.33 6.42 -22.26
N THR A 54 9.74 5.99 -23.37
CA THR A 54 10.33 4.87 -24.11
C THR A 54 11.37 5.31 -25.13
N ASP A 55 11.61 6.62 -25.26
CA ASP A 55 12.75 7.08 -26.06
C ASP A 55 13.98 7.07 -25.15
N GLU A 56 14.90 6.14 -25.42
CA GLU A 56 16.05 5.93 -24.55
C GLU A 56 16.81 7.22 -24.28
N SER A 57 17.15 7.94 -25.34
CA SER A 57 17.89 9.17 -25.17
C SER A 57 17.11 10.19 -24.32
N VAL A 58 15.78 10.06 -24.25
CA VAL A 58 15.01 11.06 -23.50
C VAL A 58 15.28 10.93 -22.01
N LEU A 59 15.17 9.71 -21.49
CA LEU A 59 15.40 9.49 -20.06
C LEU A 59 16.86 9.79 -19.70
N LYS A 60 17.78 9.45 -20.59
CA LYS A 60 19.19 9.76 -20.36
C LYS A 60 19.44 11.27 -20.37
N ASN A 61 18.92 11.95 -21.39
CA ASN A 61 19.11 13.41 -21.47
C ASN A 61 18.45 14.17 -20.32
N LEU A 62 17.39 13.60 -19.76
CA LEU A 62 16.75 14.21 -18.59
C LEU A 62 17.61 14.04 -17.34
N GLY A 63 18.60 13.16 -17.41
CA GLY A 63 19.51 12.97 -16.28
C GLY A 63 19.05 11.97 -15.24
N LEU A 64 18.29 10.96 -15.67
CA LEU A 64 17.77 9.96 -14.74
C LEU A 64 18.81 8.95 -14.29
N ARG A 65 19.96 8.94 -14.92
CA ARG A 65 21.07 8.09 -14.48
C ARG A 65 21.30 8.26 -12.98
N ASN A 66 21.38 7.13 -12.29
CA ASN A 66 21.67 7.09 -10.86
C ASN A 66 20.66 7.82 -9.96
N PHE A 67 19.46 8.10 -10.49
CA PHE A 67 18.40 8.71 -9.68
C PHE A 67 18.09 7.80 -8.51
N ASP A 68 17.71 8.39 -7.38
CA ASP A 68 17.47 7.58 -6.19
C ASP A 68 16.22 6.74 -6.31
N HIS A 69 15.14 7.32 -6.79
CA HIS A 69 13.91 6.55 -6.90
C HIS A 69 13.09 7.02 -8.08
N VAL A 70 12.72 6.09 -8.95
CA VAL A 70 11.83 6.40 -10.06
C VAL A 70 10.59 5.52 -10.00
N ILE A 71 9.43 6.14 -10.17
CA ILE A 71 8.17 5.43 -10.12
C ILE A 71 7.60 5.37 -11.54
N VAL A 72 7.34 4.16 -12.02
CA VAL A 72 6.75 3.99 -13.35
C VAL A 72 5.27 3.70 -13.17
N ALA A 73 4.42 4.63 -13.57
CA ALA A 73 2.99 4.52 -13.35
C ALA A 73 2.25 4.65 -14.67
N ILE A 74 2.88 4.15 -15.73
CA ILE A 74 2.19 3.99 -16.99
C ILE A 74 1.24 2.82 -16.81
N GLY A 75 -0.01 3.01 -17.17
CA GLY A 75 -1.00 1.96 -16.94
C GLY A 75 -1.18 1.01 -18.09
N GLU A 76 -2.13 1.33 -18.96
CA GLU A 76 -2.59 0.38 -19.97
C GLU A 76 -1.55 -0.01 -21.01
N ASN A 77 -0.50 0.77 -21.16
CA ASN A 77 0.54 0.39 -22.10
C ASN A 77 1.60 -0.46 -21.40
N ILE A 78 1.33 -1.76 -21.33
CA ILE A 78 2.20 -2.69 -20.63
C ILE A 78 3.58 -2.72 -21.29
N GLN A 79 3.59 -2.65 -22.61
CA GLN A 79 4.87 -2.69 -23.33
C GLN A 79 5.71 -1.44 -23.04
N ALA A 80 5.10 -0.26 -23.06
CA ALA A 80 5.78 0.98 -22.69
C ALA A 80 6.29 0.93 -21.24
N SER A 81 5.49 0.36 -20.34
CA SER A 81 5.90 0.20 -18.96
C SER A 81 7.15 -0.66 -18.82
N ILE A 82 7.09 -1.86 -19.42
CA ILE A 82 8.21 -2.78 -19.41
C ILE A 82 9.46 -2.16 -20.05
N LEU A 83 9.31 -1.51 -21.19
CA LEU A 83 10.45 -0.93 -21.89
C LEU A 83 11.08 0.22 -21.08
N THR A 84 10.23 1.06 -20.51
CA THR A 84 10.67 2.13 -19.62
C THR A 84 11.47 1.57 -18.44
N THR A 85 10.96 0.49 -17.85
CA THR A 85 11.64 -0.15 -16.72
C THR A 85 13.02 -0.68 -17.14
N LEU A 86 13.07 -1.36 -18.27
CA LEU A 86 14.34 -1.83 -18.82
C LEU A 86 15.36 -0.71 -18.94
N ILE A 87 14.95 0.41 -19.53
CA ILE A 87 15.84 1.55 -19.74
C ILE A 87 16.34 2.14 -18.40
N LEU A 88 15.42 2.31 -17.46
CA LEU A 88 15.78 2.84 -16.13
C LEU A 88 16.79 1.95 -15.45
N LYS A 89 16.62 0.63 -15.58
CA LYS A 89 17.58 -0.29 -14.98
C LYS A 89 18.96 -0.15 -15.62
N GLU A 90 19.01 -0.06 -16.95
CA GLU A 90 20.28 0.14 -17.65
C GLU A 90 20.94 1.47 -17.25
N LEU A 91 20.13 2.44 -16.86
CA LEU A 91 20.62 3.75 -16.43
C LEU A 91 21.05 3.77 -14.95
N GLY A 92 20.94 2.64 -14.27
CA GLY A 92 21.49 2.50 -12.93
C GLY A 92 20.65 3.14 -11.85
N VAL A 93 19.38 3.33 -12.13
CA VAL A 93 18.48 3.90 -11.13
C VAL A 93 18.44 2.99 -9.90
N HIS A 94 18.66 3.57 -8.71
CA HIS A 94 18.83 2.76 -7.50
C HIS A 94 17.56 1.99 -7.13
N THR A 95 16.41 2.63 -7.24
CA THR A 95 15.16 2.00 -6.83
C THR A 95 14.05 2.31 -7.81
N ILE A 96 13.50 1.26 -8.40
CA ILE A 96 12.44 1.42 -9.40
C ILE A 96 11.18 0.76 -8.89
N THR A 97 10.13 1.57 -8.75
CA THR A 97 8.83 1.06 -8.32
C THR A 97 7.88 1.16 -9.50
N VAL A 98 7.19 0.06 -9.81
CA VAL A 98 6.32 0.03 -10.97
C VAL A 98 4.92 -0.47 -10.62
N LYS A 99 3.92 0.24 -11.11
CA LYS A 99 2.53 -0.20 -11.02
C LYS A 99 2.25 -1.30 -12.05
N ALA A 100 1.81 -2.46 -11.59
CA ALA A 100 1.57 -3.59 -12.50
C ALA A 100 0.10 -3.65 -12.89
N GLN A 101 -0.16 -3.96 -14.16
CA GLN A 101 -1.52 -4.13 -14.65
C GLN A 101 -2.07 -5.54 -14.43
N ASN A 102 -1.20 -6.55 -14.48
CA ASN A 102 -1.65 -7.94 -14.28
C ASN A 102 -0.49 -8.83 -13.87
N ASP A 103 -0.76 -10.13 -13.74
CA ASP A 103 0.26 -11.08 -13.32
C ASP A 103 1.40 -11.17 -14.34
N TYR A 104 1.05 -11.20 -15.63
CA TYR A 104 2.06 -11.27 -16.69
C TYR A 104 3.01 -10.09 -16.57
N HIS A 105 2.44 -8.90 -16.49
CA HIS A 105 3.20 -7.67 -16.31
C HIS A 105 4.15 -7.81 -15.10
N GLU A 106 3.62 -8.23 -13.96
CA GLU A 106 4.45 -8.40 -12.77
C GLU A 106 5.58 -9.39 -13.00
N LYS A 107 5.27 -10.52 -13.65
CA LYS A 107 6.29 -11.55 -13.84
C LYS A 107 7.44 -11.01 -14.68
N VAL A 108 7.13 -10.26 -15.73
CA VAL A 108 8.18 -9.70 -16.57
C VAL A 108 8.96 -8.63 -15.80
N LEU A 109 8.25 -7.73 -15.14
CA LEU A 109 8.88 -6.67 -14.36
C LEU A 109 9.89 -7.22 -13.33
N SER A 110 9.52 -8.33 -12.70
CA SER A 110 10.36 -8.96 -11.70
C SER A 110 11.69 -9.46 -12.29
N LYS A 111 11.64 -10.01 -13.49
CA LYS A 111 12.84 -10.59 -14.07
C LYS A 111 13.73 -9.54 -14.70
N ILE A 112 13.17 -8.39 -15.05
CA ILE A 112 13.98 -7.35 -15.66
C ILE A 112 14.42 -6.33 -14.61
N GLY A 113 14.09 -6.62 -13.36
CA GLY A 113 14.70 -5.95 -12.22
C GLY A 113 13.99 -4.78 -11.56
N ALA A 114 12.68 -4.65 -11.74
CA ALA A 114 11.91 -3.68 -10.94
C ALA A 114 12.15 -4.08 -9.50
N ASP A 115 12.35 -3.10 -8.61
CA ASP A 115 12.61 -3.39 -7.21
C ASP A 115 11.32 -3.57 -6.43
N HIS A 116 10.29 -2.82 -6.80
CA HIS A 116 9.01 -2.90 -6.10
C HIS A 116 7.85 -2.88 -7.08
N ILE A 117 7.01 -3.90 -7.02
CA ILE A 117 5.90 -4.00 -7.95
C ILE A 117 4.62 -3.87 -7.15
N VAL A 118 3.78 -2.91 -7.51
CA VAL A 118 2.65 -2.58 -6.65
C VAL A 118 1.32 -2.69 -7.38
N HIS A 119 0.28 -2.98 -6.61
CA HIS A 119 -1.05 -3.31 -7.12
C HIS A 119 -2.07 -2.52 -6.33
N PRO A 120 -2.16 -1.21 -6.58
CA PRO A 120 -3.05 -0.41 -5.75
C PRO A 120 -4.52 -0.85 -5.80
N GLU A 121 -5.07 -1.05 -7.00
CA GLU A 121 -6.47 -1.44 -7.13
C GLU A 121 -6.71 -2.81 -6.50
N ARG A 122 -5.85 -3.77 -6.80
CA ARG A 122 -6.03 -5.12 -6.32
C ARG A 122 -5.94 -5.22 -4.80
N ASP A 123 -4.92 -4.62 -4.24
CA ASP A 123 -4.73 -4.71 -2.80
C ASP A 123 -5.91 -4.08 -2.02
N MET A 124 -6.44 -2.96 -2.50
CA MET A 124 -7.58 -2.39 -1.80
C MET A 124 -8.84 -3.22 -2.02
N ALA A 125 -9.00 -3.75 -3.23
CA ALA A 125 -10.14 -4.63 -3.50
C ALA A 125 -10.18 -5.82 -2.54
N LYS A 126 -9.02 -6.40 -2.25
CA LYS A 126 -8.96 -7.56 -1.33
C LYS A 126 -9.40 -7.21 0.09
N ARG A 127 -8.98 -6.04 0.57
CA ARG A 127 -9.36 -5.60 1.90
C ARG A 127 -10.86 -5.37 1.93
N ILE A 128 -11.38 -4.70 0.91
CA ILE A 128 -12.81 -4.43 0.84
C ILE A 128 -13.62 -5.71 0.77
N ALA A 129 -13.24 -6.63 -0.10
CA ALA A 129 -13.98 -7.90 -0.22
C ALA A 129 -13.98 -8.67 1.10
N HIS A 130 -12.85 -8.65 1.81
CA HIS A 130 -12.81 -9.38 3.07
C HIS A 130 -13.74 -8.79 4.13
N ASN A 131 -13.76 -7.46 4.20
CA ASN A 131 -14.74 -6.74 5.03
C ASN A 131 -16.16 -7.12 4.68
N ILE A 132 -16.46 -7.04 3.39
CA ILE A 132 -17.79 -7.34 2.86
C ILE A 132 -18.34 -8.69 3.30
N VAL A 133 -17.49 -9.72 3.23
CA VAL A 133 -17.95 -11.07 3.52
C VAL A 133 -17.86 -11.42 5.01
N SER A 134 -17.06 -10.68 5.77
CA SER A 134 -17.04 -10.84 7.22
C SER A 134 -17.18 -9.47 7.85
N ASN A 135 -18.41 -9.07 8.18
CA ASN A 135 -18.70 -7.71 8.64
C ASN A 135 -17.96 -7.22 9.90
N ASN A 136 -17.78 -8.09 10.90
CA ASN A 136 -17.03 -7.70 12.09
C ASN A 136 -15.54 -7.39 11.79
N VAL A 137 -15.05 -7.87 10.66
CA VAL A 137 -13.67 -7.59 10.28
C VAL A 137 -13.63 -6.35 9.42
N LEU A 138 -13.08 -5.25 9.94
CA LEU A 138 -13.11 -3.97 9.22
C LEU A 138 -11.99 -3.86 8.20
N ASP A 139 -10.82 -4.35 8.57
CA ASP A 139 -9.66 -4.18 7.72
C ASP A 139 -8.59 -5.11 8.23
N TYR A 140 -7.53 -5.30 7.43
CA TYR A 140 -6.38 -6.10 7.82
C TYR A 140 -5.11 -5.62 7.11
N LEU A 141 -3.96 -5.95 7.67
CA LEU A 141 -2.67 -5.60 7.10
C LEU A 141 -1.75 -6.78 7.31
N GLU A 142 -1.20 -7.32 6.23
CA GLU A 142 -0.28 -8.45 6.34
C GLU A 142 1.03 -7.94 6.90
N LEU A 143 1.56 -8.64 7.89
CA LEU A 143 2.83 -8.25 8.50
C LEU A 143 3.94 -9.16 8.05
N SER A 144 3.58 -10.40 7.75
CA SER A 144 4.52 -11.38 7.25
C SER A 144 3.72 -12.43 6.49
N GLU A 145 4.37 -13.48 6.04
CA GLU A 145 3.65 -14.51 5.33
C GLU A 145 2.68 -15.24 6.27
N GLU A 146 3.06 -15.29 7.54
CA GLU A 146 2.33 -16.03 8.56
C GLU A 146 1.38 -15.15 9.37
N HIS A 147 1.71 -13.87 9.52
CA HIS A 147 1.05 -13.02 10.50
C HIS A 147 0.36 -11.80 9.92
N SER A 148 -0.76 -11.41 10.54
CA SER A 148 -1.48 -10.21 10.14
C SER A 148 -1.98 -9.37 11.31
N LEU A 149 -2.23 -8.10 11.02
CA LEU A 149 -2.96 -7.25 11.94
C LEU A 149 -4.39 -7.20 11.42
N VAL A 150 -5.36 -7.29 12.32
CA VAL A 150 -6.76 -7.27 11.90
CA VAL A 150 -6.75 -7.27 11.90
C VAL A 150 -7.56 -6.36 12.81
N GLU A 151 -8.51 -5.61 12.22
CA GLU A 151 -9.40 -4.75 12.99
C GLU A 151 -10.75 -5.43 13.09
N ILE A 152 -11.15 -5.73 14.32
CA ILE A 152 -12.37 -6.50 14.58
C ILE A 152 -13.36 -5.74 15.45
N VAL A 153 -14.60 -5.64 14.98
CA VAL A 153 -15.63 -4.98 15.77
C VAL A 153 -16.14 -5.96 16.82
N ALA A 154 -16.14 -5.52 18.08
CA ALA A 154 -16.62 -6.38 19.15
C ALA A 154 -18.11 -6.63 18.98
N ASN A 155 -18.53 -7.86 19.25
CA ASN A 155 -19.95 -8.19 19.24
C ASN A 155 -20.47 -8.40 20.66
N SER A 156 -21.72 -8.86 20.78
CA SER A 156 -22.34 -9.06 22.08
C SER A 156 -21.60 -10.08 22.94
N ARG A 157 -20.95 -11.04 22.30
CA ARG A 157 -20.23 -12.08 23.01
C ARG A 157 -18.98 -11.52 23.67
N LEU A 158 -18.32 -10.58 23.01
CA LEU A 158 -17.10 -9.97 23.54
C LEU A 158 -17.40 -8.84 24.53
N ALA A 159 -18.41 -8.04 24.20
CA ALA A 159 -18.80 -6.88 25.00
C ALA A 159 -19.13 -7.26 26.43
N GLY A 160 -18.66 -6.45 27.38
CA GLY A 160 -19.02 -6.60 28.77
C GLY A 160 -18.05 -7.45 29.58
N ASN A 161 -17.06 -8.00 28.91
CA ASN A 161 -16.10 -8.87 29.60
C ASN A 161 -14.71 -8.26 29.67
N THR A 162 -13.98 -8.54 30.75
CA THR A 162 -12.60 -8.09 30.84
C THR A 162 -11.74 -8.93 29.90
N LEU A 163 -10.61 -8.37 29.47
CA LEU A 163 -9.67 -9.12 28.66
C LEU A 163 -9.15 -10.32 29.44
N LEU A 164 -9.00 -10.16 30.74
CA LEU A 164 -8.61 -11.27 31.60
C LEU A 164 -9.56 -12.47 31.43
N ASP A 165 -10.85 -12.21 31.52
CA ASP A 165 -11.86 -13.26 31.44
C ASP A 165 -11.94 -13.85 30.03
N LEU A 166 -11.81 -12.99 29.03
CA LEU A 166 -11.83 -13.43 27.63
C LEU A 166 -10.68 -14.38 27.33
N ASP A 167 -9.51 -14.11 27.91
CA ASP A 167 -8.37 -15.05 27.85
C ASP A 167 -8.03 -15.37 26.41
N ILE A 168 -8.08 -14.36 25.56
CA ILE A 168 -7.99 -14.57 24.12
C ILE A 168 -6.59 -15.02 23.68
N ARG A 169 -5.56 -14.51 24.30
CA ARG A 169 -4.20 -14.93 23.99
C ARG A 169 -4.03 -16.44 24.21
N ALA A 170 -4.42 -16.94 25.38
CA ALA A 170 -4.32 -18.37 25.68
C ALA A 170 -5.26 -19.24 24.84
N LYS A 171 -6.48 -18.77 24.57
CA LYS A 171 -7.48 -19.62 23.93
C LYS A 171 -7.38 -19.62 22.43
N TYR A 172 -6.84 -18.53 21.88
CA TYR A 172 -6.87 -18.30 20.44
C TYR A 172 -5.50 -17.96 19.83
N GLY A 173 -4.51 -17.67 20.67
CA GLY A 173 -3.16 -17.44 20.19
C GLY A 173 -2.95 -16.05 19.60
N ILE A 174 -3.96 -15.19 19.74
CA ILE A 174 -3.89 -13.85 19.18
C ILE A 174 -3.95 -12.76 20.27
N ASN A 175 -3.43 -11.60 19.95
CA ASN A 175 -3.17 -10.56 20.93
C ASN A 175 -3.91 -9.30 20.59
N ILE A 176 -4.65 -8.78 21.55
CA ILE A 176 -5.27 -7.47 21.35
C ILE A 176 -4.26 -6.40 21.73
N VAL A 177 -3.68 -5.73 20.73
CA VAL A 177 -2.63 -4.75 21.02
C VAL A 177 -3.15 -3.32 21.17
N ALA A 178 -4.38 -3.07 20.75
CA ALA A 178 -5.01 -1.77 20.94
C ALA A 178 -6.51 -1.88 20.77
N ILE A 179 -7.23 -0.88 21.25
CA ILE A 179 -8.68 -0.80 21.10
C ILE A 179 -9.05 0.62 20.67
N LYS A 180 -9.82 0.74 19.60
CA LYS A 180 -10.37 2.03 19.23
C LYS A 180 -11.75 2.13 19.91
N ARG A 181 -11.90 3.11 20.80
CA ARG A 181 -13.14 3.30 21.56
C ARG A 181 -13.62 4.71 21.30
N GLY A 182 -14.67 4.83 20.51
CA GLY A 182 -15.08 6.14 20.03
C GLY A 182 -13.93 6.73 19.21
N LYS A 183 -13.52 7.96 19.55
CA LYS A 183 -12.41 8.62 18.89
C LYS A 183 -11.05 8.26 19.49
N GLU A 184 -11.06 7.56 20.62
CA GLU A 184 -9.81 7.27 21.34
C GLU A 184 -9.23 5.94 20.95
N VAL A 185 -7.90 5.85 21.00
CA VAL A 185 -7.25 4.57 20.86
C VAL A 185 -6.57 4.22 22.19
N ILE A 186 -6.93 3.08 22.74
CA ILE A 186 -6.33 2.58 23.96
C ILE A 186 -5.20 1.65 23.54
N VAL A 187 -3.96 2.02 23.83
CA VAL A 187 -2.84 1.22 23.32
C VAL A 187 -2.32 0.28 24.39
N SER A 188 -2.05 -0.97 24.01
CA SER A 188 -1.61 -2.01 24.96
C SER A 188 -2.53 -2.09 26.18
N PRO A 189 -3.83 -2.36 25.96
CA PRO A 189 -4.73 -2.38 27.12
C PRO A 189 -4.32 -3.45 28.12
N LEU A 190 -4.63 -3.21 29.39
CA LEU A 190 -4.32 -4.18 30.44
C LEU A 190 -5.41 -5.24 30.48
N ALA A 191 -5.13 -6.36 31.15
CA ALA A 191 -6.10 -7.44 31.27
C ALA A 191 -7.38 -7.00 31.97
N THR A 192 -7.27 -5.93 32.78
CA THR A 192 -8.41 -5.38 33.51
C THR A 192 -9.36 -4.58 32.61
N GLU A 193 -8.97 -4.35 31.36
CA GLU A 193 -9.81 -3.58 30.46
C GLU A 193 -11.08 -4.35 30.12
N VAL A 194 -12.21 -3.66 30.15
CA VAL A 194 -13.49 -4.26 29.81
C VAL A 194 -13.82 -3.88 28.37
N ILE A 195 -14.23 -4.84 27.56
CA ILE A 195 -14.62 -4.54 26.18
C ILE A 195 -16.01 -3.91 26.13
N HIS A 196 -16.12 -2.83 25.35
CA HIS A 196 -17.39 -2.13 25.18
C HIS A 196 -18.00 -2.54 23.83
N GLN A 197 -19.31 -2.47 23.73
CA GLN A 197 -19.99 -2.63 22.45
C GLN A 197 -19.45 -1.59 21.49
N GLU A 198 -19.26 -1.98 20.24
CA GLU A 198 -18.73 -1.09 19.20
C GLU A 198 -17.24 -0.76 19.33
N ASP A 199 -16.55 -1.34 20.32
CA ASP A 199 -15.10 -1.26 20.34
C ASP A 199 -14.56 -1.90 19.06
N ILE A 200 -13.47 -1.35 18.53
CA ILE A 200 -12.74 -1.98 17.45
C ILE A 200 -11.45 -2.53 18.05
N LEU A 201 -11.34 -3.86 18.08
CA LEU A 201 -10.16 -4.54 18.60
C LEU A 201 -9.07 -4.60 17.55
N ILE A 202 -7.89 -4.09 17.87
CA ILE A 202 -6.76 -4.18 16.94
C ILE A 202 -5.93 -5.37 17.37
N VAL A 203 -5.88 -6.39 16.51
CA VAL A 203 -5.41 -7.70 16.91
C VAL A 203 -4.25 -8.13 16.00
N ILE A 204 -3.28 -8.85 16.57
CA ILE A 204 -2.21 -9.44 15.78
C ILE A 204 -2.13 -10.93 16.10
N GLY A 205 -2.06 -11.75 15.06
CA GLY A 205 -1.88 -13.17 15.22
C GLY A 205 -1.55 -13.82 13.88
N SER A 206 -1.41 -15.15 13.87
CA SER A 206 -1.27 -15.86 12.60
C SER A 206 -2.60 -15.83 11.86
N VAL A 207 -2.53 -15.88 10.53
CA VAL A 207 -3.75 -15.89 9.71
C VAL A 207 -4.62 -17.11 10.05
N THR A 208 -3.96 -18.22 10.35
CA THR A 208 -4.65 -19.43 10.82
C THR A 208 -5.43 -19.18 12.13
N ASP A 209 -4.75 -18.63 13.13
CA ASP A 209 -5.39 -18.40 14.42
C ASP A 209 -6.50 -17.38 14.33
N ILE A 210 -6.30 -16.37 13.49
CA ILE A 210 -7.31 -15.35 13.27
C ILE A 210 -8.58 -15.96 12.65
N SER A 211 -8.40 -16.81 11.66
CA SER A 211 -9.51 -17.53 11.03
C SER A 211 -10.32 -18.34 12.06
N ARG A 212 -9.61 -19.05 12.94
CA ARG A 212 -10.26 -19.88 13.96
C ARG A 212 -11.04 -19.00 14.95
N PHE A 213 -10.46 -17.85 15.28
CA PHE A 213 -11.14 -16.90 16.15
C PHE A 213 -12.42 -16.38 15.52
N GLU A 214 -12.36 -16.01 14.23
CA GLU A 214 -13.54 -15.52 13.53
C GLU A 214 -14.66 -16.55 13.56
N LYS A 215 -14.29 -17.80 13.30
CA LYS A 215 -15.25 -18.89 13.31
C LYS A 215 -15.87 -19.10 14.69
N ARG A 216 -15.04 -19.07 15.72
CA ARG A 216 -15.51 -19.37 17.08
C ARG A 216 -16.32 -18.23 17.68
N VAL A 217 -15.87 -17.00 17.41
CA VAL A 217 -16.37 -15.85 18.15
C VAL A 217 -17.21 -14.87 17.31
N LEU A 218 -16.86 -14.70 16.04
CA LEU A 218 -17.58 -13.77 15.18
C LEU A 218 -18.65 -14.45 14.34
#